data_3TQ0
#
_entry.id   3TQ0
#
_cell.length_a   140.833
_cell.length_b   140.833
_cell.length_c   68.348
_cell.angle_alpha   90.00
_cell.angle_beta   90.00
_cell.angle_gamma   120.00
#
_symmetry.space_group_name_H-M   'P 61'
#
loop_
_entity.id
_entity.type
_entity.pdbx_description
1 polymer 'Dihydroorotate dehydrogenase'
2 non-polymer 'FLAVIN MONONUCLEOTIDE'
3 non-polymer 'FUMARIC ACID'
4 non-polymer GLYCEROL
5 non-polymer 'NICKEL (II) ION'
6 non-polymer 'SULFATE ION'
7 water water
#
_entity_poly.entity_id   1
_entity_poly.type   'polypeptide(L)'
_entity_poly.pdbx_seq_one_letter_code
;MGSSHHHHHHSSGLVPAGSHMASMTGGQQMGRGSMSLQVNLLNNTFANPFMNAAGVMCTTTEELVAMTESASGSLVSKSC
TPALREGNPTPRYQALPLGSINSMGLPNNGFDFYLAYAAEQHDYGKKPLFLSMSGLSMRENVEMCKRLAAVATEKGVILE
LNLSCPNVPGKPQVAYDFDAMRQCLTAVSEVYPHSFGVKMPPYFDFAHFDAAAEILNEFPKVQFITCINSIGNGLVIDAE
TESVVIKPKQGFGGLGGRYVLPTALANINAFYRRCPGKLIFGCGGVYTGEDAFLHVLAGASMVQVGTALQEEGPSIFERL
TSELLGVMAKKRYQTLDEFRGKVRTL
;
_entity_poly.pdbx_strand_id   A,B
#
# COMPACT_ATOMS: atom_id res chain seq x y z
N SER A 34 -17.43 19.29 -29.26
CA SER A 34 -17.75 19.85 -27.91
C SER A 34 -16.69 19.44 -26.87
N MET A 35 -16.28 18.18 -26.90
CA MET A 35 -15.36 17.64 -25.89
C MET A 35 -14.04 17.21 -26.50
N SER A 36 -13.03 17.04 -25.66
CA SER A 36 -11.72 16.62 -26.16
C SER A 36 -10.93 15.99 -25.04
N LEU A 37 -10.38 14.81 -25.32
CA LEU A 37 -9.48 14.14 -24.40
C LEU A 37 -8.04 14.48 -24.70
N GLN A 38 -7.84 15.44 -25.60
CA GLN A 38 -6.49 15.80 -26.01
C GLN A 38 -5.62 16.23 -24.84
N VAL A 39 -4.37 15.82 -24.87
CA VAL A 39 -3.39 16.19 -23.88
C VAL A 39 -2.19 16.69 -24.66
N ASN A 40 -1.66 17.83 -24.26
CA ASN A 40 -0.48 18.37 -24.89
C ASN A 40 0.57 18.49 -23.83
N LEU A 41 1.63 17.72 -23.98
CA LEU A 41 2.72 17.78 -23.03
C LEU A 41 3.97 17.22 -23.65
N LEU A 42 5.11 17.59 -23.09
CA LEU A 42 6.41 17.12 -23.56
C LEU A 42 6.56 17.30 -25.06
N ASN A 43 6.18 18.48 -25.56
N ASN A 43 6.16 18.49 -25.55
CA ASN A 43 6.27 18.79 -26.99
CA ASN A 43 6.21 18.83 -26.96
C ASN A 43 5.51 17.78 -27.88
C ASN A 43 5.52 17.79 -27.85
N ASN A 44 4.48 17.16 -27.31
CA ASN A 44 3.69 16.18 -28.04
C ASN A 44 2.21 16.45 -27.90
N THR A 45 1.44 15.94 -28.86
CA THR A 45 0.00 15.96 -28.75
C THR A 45 -0.47 14.53 -28.60
N PHE A 46 -1.33 14.32 -27.62
CA PHE A 46 -1.91 13.02 -27.36
C PHE A 46 -3.38 13.10 -27.62
N ALA A 47 -3.91 12.15 -28.37
CA ALA A 47 -5.33 12.10 -28.70
C ALA A 47 -6.16 12.01 -27.44
N ASN A 48 -5.63 11.29 -26.45
CA ASN A 48 -6.28 11.10 -25.18
C ASN A 48 -5.20 10.76 -24.15
N PRO A 49 -5.55 10.78 -22.85
CA PRO A 49 -4.49 10.61 -21.85
C PRO A 49 -4.12 9.15 -21.63
N PHE A 50 -4.83 8.24 -22.28
CA PHE A 50 -4.67 6.85 -21.95
C PHE A 50 -3.47 6.23 -22.60
N MET A 51 -2.84 5.37 -21.83
CA MET A 51 -1.77 4.55 -22.36
C MET A 51 -1.69 3.29 -21.50
N ASN A 52 -0.94 2.32 -21.97
CA ASN A 52 -0.70 1.16 -21.12
C ASN A 52 0.22 1.57 -19.99
N ALA A 53 0.11 0.87 -18.87
CA ALA A 53 1.13 0.90 -17.83
C ALA A 53 2.33 0.14 -18.34
N ALA A 54 3.53 0.64 -18.06
CA ALA A 54 4.72 -0.08 -18.48
C ALA A 54 4.64 -1.52 -17.99
N GLY A 55 5.11 -2.44 -18.82
CA GLY A 55 5.08 -3.86 -18.48
C GLY A 55 3.80 -4.57 -18.86
N VAL A 56 2.73 -3.82 -19.09
CA VAL A 56 1.50 -4.48 -19.49
C VAL A 56 1.31 -4.36 -20.99
N MET A 57 1.21 -5.52 -21.64
CA MET A 57 0.97 -5.63 -23.08
C MET A 57 1.87 -4.70 -23.88
N CYS A 58 3.17 -4.86 -23.71
CA CYS A 58 4.09 -3.96 -24.38
C CYS A 58 5.48 -4.54 -24.39
N THR A 59 5.57 -5.86 -24.34
CA THR A 59 6.86 -6.52 -24.32
C THR A 59 7.32 -6.91 -25.72
N THR A 60 6.39 -7.45 -26.51
CA THR A 60 6.74 -7.95 -27.83
C THR A 60 6.41 -6.94 -28.92
N THR A 61 6.98 -7.13 -30.10
CA THR A 61 6.62 -6.32 -31.26
C THR A 61 5.12 -6.29 -31.46
N GLU A 62 4.50 -7.47 -31.38
CA GLU A 62 3.07 -7.60 -31.61
C GLU A 62 2.29 -6.78 -30.58
N GLU A 63 2.78 -6.77 -29.34
CA GLU A 63 2.11 -6.00 -28.30
C GLU A 63 2.27 -4.52 -28.54
N LEU A 64 3.48 -4.09 -28.91
CA LEU A 64 3.74 -2.70 -29.15
C LEU A 64 2.94 -2.22 -30.33
N VAL A 65 2.87 -3.04 -31.37
CA VAL A 65 2.08 -2.70 -32.54
C VAL A 65 0.60 -2.63 -32.17
N ALA A 66 0.12 -3.60 -31.39
CA ALA A 66 -1.26 -3.59 -30.93
C ALA A 66 -1.58 -2.35 -30.10
N MET A 67 -0.64 -1.95 -29.25
CA MET A 67 -0.81 -0.73 -28.47
C MET A 67 -0.84 0.51 -29.36
N THR A 68 0.02 0.52 -30.38
CA THR A 68 0.06 1.61 -31.35
C THR A 68 -1.25 1.68 -32.14
N GLU A 69 -1.76 0.51 -32.53
CA GLU A 69 -3.00 0.41 -33.30
CA GLU A 69 -3.00 0.44 -33.30
C GLU A 69 -4.24 0.68 -32.44
N SER A 70 -4.07 0.62 -31.13
CA SER A 70 -5.20 0.81 -30.21
C SER A 70 -5.63 2.27 -30.18
N ALA A 71 -6.75 2.52 -29.51
CA ALA A 71 -7.28 3.86 -29.28
C ALA A 71 -6.52 4.65 -28.22
N SER A 72 -5.50 4.05 -27.60
CA SER A 72 -4.74 4.76 -26.56
C SER A 72 -4.07 6.03 -27.10
N GLY A 73 -3.89 7.02 -26.23
CA GLY A 73 -3.21 8.24 -26.62
C GLY A 73 -1.72 8.04 -26.76
N SER A 74 -1.19 7.06 -26.03
CA SER A 74 0.22 6.74 -26.11
C SER A 74 0.46 5.29 -25.70
N LEU A 75 1.72 4.94 -25.50
CA LEU A 75 2.06 3.61 -25.05
C LEU A 75 3.46 3.73 -24.49
N VAL A 76 3.84 2.76 -23.69
CA VAL A 76 5.17 2.71 -23.12
C VAL A 76 5.58 1.27 -23.26
N SER A 77 6.83 1.06 -23.67
CA SER A 77 7.33 -0.27 -23.87
C SER A 77 7.70 -0.87 -22.52
N LYS A 78 7.68 -2.21 -22.46
CA LYS A 78 8.08 -2.93 -21.25
C LYS A 78 9.40 -2.39 -20.72
N SER A 79 9.48 -2.19 -19.40
CA SER A 79 10.70 -1.79 -18.76
C SER A 79 11.84 -2.70 -19.15
N CYS A 80 12.90 -2.13 -19.68
CA CYS A 80 13.95 -2.94 -20.26
C CYS A 80 15.20 -2.93 -19.43
N THR A 81 15.98 -3.98 -19.61
CA THR A 81 17.30 -4.11 -19.03
C THR A 81 18.23 -4.13 -20.23
N PRO A 82 19.55 -3.98 -20.00
CA PRO A 82 20.45 -3.90 -21.16
C PRO A 82 20.33 -5.11 -22.09
N ALA A 83 20.15 -6.29 -21.49
CA ALA A 83 20.00 -7.54 -22.22
C ALA A 83 18.64 -8.15 -21.92
N LEU A 84 18.17 -9.01 -22.83
CA LEU A 84 16.94 -9.73 -22.58
C LEU A 84 16.96 -10.45 -21.23
N ARG A 85 15.79 -10.53 -20.63
CA ARG A 85 15.62 -11.19 -19.37
C ARG A 85 14.45 -12.09 -19.50
N GLU A 86 14.59 -13.34 -19.05
N GLU A 86 14.64 -13.30 -18.99
CA GLU A 86 13.44 -14.25 -19.06
CA GLU A 86 13.62 -14.33 -18.92
C GLU A 86 12.47 -13.89 -17.92
C GLU A 86 12.54 -13.94 -17.90
N GLY A 87 12.95 -13.18 -16.90
CA GLY A 87 12.09 -12.81 -15.78
C GLY A 87 12.00 -13.92 -14.76
N ASN A 88 11.05 -13.79 -13.84
CA ASN A 88 10.94 -14.71 -12.72
C ASN A 88 10.23 -15.99 -13.16
N PRO A 89 10.38 -17.07 -12.37
CA PRO A 89 9.64 -18.31 -12.62
C PRO A 89 8.13 -18.08 -12.58
N THR A 90 7.41 -18.86 -13.37
CA THR A 90 5.97 -18.78 -13.44
C THR A 90 5.39 -19.80 -12.44
N PRO A 91 4.15 -19.59 -11.96
CA PRO A 91 3.31 -18.46 -12.32
C PRO A 91 3.82 -17.20 -11.63
N ARG A 92 3.70 -16.07 -12.32
CA ARG A 92 4.26 -14.83 -11.80
C ARG A 92 3.25 -13.71 -11.91
N TYR A 93 2.10 -14.02 -12.49
CA TYR A 93 0.99 -13.09 -12.58
C TYR A 93 -0.29 -13.82 -12.18
N GLN A 94 -1.09 -13.17 -11.35
CA GLN A 94 -2.42 -13.69 -11.07
C GLN A 94 -3.43 -12.56 -11.06
N ALA A 95 -4.42 -12.65 -11.93
CA ALA A 95 -5.58 -11.76 -11.90
C ALA A 95 -6.39 -12.10 -10.66
N LEU A 96 -6.96 -11.08 -10.04
CA LEU A 96 -7.67 -11.24 -8.79
C LEU A 96 -8.97 -10.47 -8.90
N PRO A 97 -9.98 -10.82 -8.08
CA PRO A 97 -11.21 -10.03 -8.07
C PRO A 97 -10.94 -8.53 -7.90
N LEU A 98 -10.00 -8.17 -7.04
CA LEU A 98 -9.73 -6.74 -6.82
C LEU A 98 -8.49 -6.23 -7.52
N GLY A 99 -7.93 -6.98 -8.44
CA GLY A 99 -6.80 -6.44 -9.15
C GLY A 99 -5.91 -7.52 -9.67
N SER A 100 -4.65 -7.44 -9.30
CA SER A 100 -3.69 -8.42 -9.76
C SER A 100 -2.52 -8.41 -8.83
N ILE A 101 -1.79 -9.50 -8.88
CA ILE A 101 -0.53 -9.57 -8.22
C ILE A 101 0.46 -10.12 -9.22
N ASN A 102 1.66 -9.56 -9.26
CA ASN A 102 2.63 -10.12 -10.16
C ASN A 102 4.01 -10.06 -9.57
N SER A 103 4.84 -10.96 -10.01
CA SER A 103 6.26 -10.79 -9.78
C SER A 103 6.93 -11.14 -11.09
N MET A 104 6.66 -10.35 -12.11
CA MET A 104 7.14 -10.71 -13.45
C MET A 104 8.66 -10.86 -13.44
N GLY A 105 9.34 -9.90 -12.83
CA GLY A 105 10.79 -9.95 -12.70
C GLY A 105 11.47 -9.38 -13.93
N LEU A 106 10.85 -8.35 -14.52
CA LEU A 106 11.37 -7.68 -15.73
C LEU A 106 11.65 -8.61 -16.91
N PRO A 107 10.72 -9.52 -17.25
CA PRO A 107 10.98 -10.24 -18.49
C PRO A 107 10.86 -9.23 -19.60
N ASN A 108 11.88 -9.13 -20.43
CA ASN A 108 11.84 -8.15 -21.49
C ASN A 108 12.82 -8.57 -22.55
N ASN A 109 12.65 -8.01 -23.73
CA ASN A 109 13.45 -8.39 -24.87
C ASN A 109 14.79 -7.70 -24.88
N GLY A 110 15.05 -6.87 -23.87
CA GLY A 110 16.32 -6.18 -23.79
C GLY A 110 16.26 -4.83 -24.46
N PHE A 111 17.14 -3.95 -24.00
CA PHE A 111 17.14 -2.57 -24.45
C PHE A 111 17.26 -2.41 -25.96
N ASP A 112 18.17 -3.15 -26.61
CA ASP A 112 18.34 -3.01 -28.06
C ASP A 112 17.03 -3.17 -28.76
N PHE A 113 16.25 -4.14 -28.31
CA PHE A 113 14.97 -4.42 -28.93
C PHE A 113 14.02 -3.23 -28.87
N TYR A 114 13.88 -2.64 -27.69
CA TYR A 114 12.96 -1.52 -27.49
CA TYR A 114 12.94 -1.52 -27.55
C TYR A 114 13.50 -0.26 -28.15
N LEU A 115 14.81 -0.12 -28.13
CA LEU A 115 15.47 0.98 -28.80
C LEU A 115 15.20 0.89 -30.30
N ALA A 116 15.36 -0.31 -30.86
CA ALA A 116 15.09 -0.54 -32.28
C ALA A 116 13.64 -0.27 -32.61
N TYR A 117 12.73 -0.73 -31.75
CA TYR A 117 11.32 -0.45 -31.98
C TYR A 117 11.11 1.06 -32.09
N ALA A 118 11.66 1.80 -31.11
CA ALA A 118 11.55 3.26 -31.06
C ALA A 118 12.22 3.94 -32.24
N ALA A 119 13.38 3.42 -32.65
CA ALA A 119 14.19 4.03 -33.68
C ALA A 119 13.65 3.76 -35.08
N GLU A 120 13.17 2.53 -35.28
CA GLU A 120 12.94 2.03 -36.63
C GLU A 120 11.51 1.63 -36.91
N GLN A 121 10.76 1.24 -35.89
CA GLN A 121 9.46 0.61 -36.14
C GLN A 121 8.27 1.42 -35.71
N HIS A 122 8.38 2.13 -34.59
CA HIS A 122 7.23 2.83 -34.08
C HIS A 122 6.73 3.89 -35.04
N ASP A 123 5.43 3.88 -35.30
CA ASP A 123 4.79 4.90 -36.09
C ASP A 123 4.45 6.10 -35.21
N TYR A 124 5.34 7.08 -35.16
CA TYR A 124 5.11 8.27 -34.34
C TYR A 124 3.99 9.14 -34.90
N GLY A 125 3.65 8.90 -36.17
CA GLY A 125 2.49 9.52 -36.77
C GLY A 125 1.20 9.12 -36.05
N LYS A 126 1.19 7.93 -35.46
CA LYS A 126 -0.02 7.44 -34.78
C LYS A 126 -0.11 7.98 -33.37
N LYS A 127 0.99 7.87 -32.61
CA LYS A 127 1.01 8.37 -31.25
C LYS A 127 2.44 8.40 -30.73
N PRO A 128 2.69 9.22 -29.70
CA PRO A 128 4.01 9.30 -29.11
C PRO A 128 4.31 8.00 -28.40
N LEU A 129 5.61 7.75 -28.21
CA LEU A 129 6.05 6.52 -27.58
C LEU A 129 6.92 6.83 -26.39
N PHE A 130 6.64 6.11 -25.31
CA PHE A 130 7.49 6.13 -24.14
C PHE A 130 8.23 4.82 -24.10
N LEU A 131 9.47 4.89 -23.67
CA LEU A 131 10.27 3.70 -23.51
C LEU A 131 10.56 3.62 -22.04
N SER A 132 10.16 2.52 -21.41
CA SER A 132 10.41 2.35 -19.98
C SER A 132 11.73 1.67 -19.82
N MET A 133 12.53 2.17 -18.90
CA MET A 133 13.86 1.62 -18.71
C MET A 133 13.99 1.22 -17.28
N SER A 134 14.44 0.01 -17.02
CA SER A 134 14.60 -0.42 -15.65
C SER A 134 15.90 -1.19 -15.48
N GLY A 135 17.01 -0.49 -15.68
CA GLY A 135 18.33 -1.08 -15.45
C GLY A 135 18.36 -1.67 -14.06
N LEU A 136 19.13 -2.74 -13.90
CA LEU A 136 19.27 -3.38 -12.61
C LEU A 136 20.30 -2.68 -11.72
N SER A 137 21.03 -1.74 -12.30
CA SER A 137 21.94 -0.91 -11.53
C SER A 137 21.96 0.45 -12.16
N MET A 138 22.46 1.43 -11.43
CA MET A 138 22.71 2.72 -12.04
C MET A 138 23.52 2.62 -13.33
N ARG A 139 24.58 1.81 -13.32
CA ARG A 139 25.45 1.69 -14.50
C ARG A 139 24.67 1.27 -15.73
N GLU A 140 23.75 0.34 -15.53
CA GLU A 140 22.93 -0.16 -16.63
C GLU A 140 22.05 0.94 -17.19
N ASN A 141 21.42 1.69 -16.29
CA ASN A 141 20.61 2.81 -16.74
C ASN A 141 21.46 3.83 -17.48
N VAL A 142 22.63 4.14 -16.95
CA VAL A 142 23.54 5.05 -17.62
C VAL A 142 23.85 4.58 -19.03
N GLU A 143 24.21 3.31 -19.18
CA GLU A 143 24.63 2.81 -20.48
C GLU A 143 23.49 2.86 -21.48
N MET A 144 22.29 2.48 -21.03
CA MET A 144 21.15 2.52 -21.93
C MET A 144 20.78 3.95 -22.27
N CYS A 145 20.79 4.82 -21.27
CA CYS A 145 20.47 6.22 -21.53
C CYS A 145 21.43 6.84 -22.54
N LYS A 146 22.71 6.53 -22.41
CA LYS A 146 23.69 7.06 -23.37
C LYS A 146 23.30 6.70 -24.80
N ARG A 147 22.83 5.47 -25.00
CA ARG A 147 22.41 5.01 -26.31
C ARG A 147 21.01 5.51 -26.67
N LEU A 148 20.14 5.64 -25.68
CA LEU A 148 18.79 6.14 -25.95
C LEU A 148 18.82 7.57 -26.44
N ALA A 149 19.79 8.35 -25.97
CA ALA A 149 19.88 9.79 -26.26
C ALA A 149 19.62 10.11 -27.74
N ALA A 150 20.33 9.43 -28.64
CA ALA A 150 20.24 9.74 -30.07
C ALA A 150 18.87 9.43 -30.64
N VAL A 151 18.27 8.35 -30.18
CA VAL A 151 16.97 7.94 -30.71
C VAL A 151 15.89 8.88 -30.19
N ALA A 152 16.00 9.28 -28.92
CA ALA A 152 15.11 10.31 -28.39
C ALA A 152 15.21 11.59 -29.24
N THR A 153 16.42 12.05 -29.49
CA THR A 153 16.66 13.22 -30.33
C THR A 153 16.02 13.05 -31.71
N GLU A 154 16.35 11.94 -32.37
CA GLU A 154 15.94 11.75 -33.76
C GLU A 154 14.46 11.39 -33.90
N LYS A 155 13.96 10.56 -32.99
CA LYS A 155 12.61 10.02 -33.14
C LYS A 155 11.57 10.56 -32.15
N GLY A 156 12.02 11.07 -31.00
CA GLY A 156 11.10 11.69 -30.05
C GLY A 156 10.55 10.73 -29.02
N VAL A 157 11.05 9.50 -29.00
CA VAL A 157 10.72 8.55 -27.92
C VAL A 157 11.06 9.22 -26.58
N ILE A 158 10.22 8.99 -25.58
CA ILE A 158 10.36 9.66 -24.29
C ILE A 158 10.65 8.60 -23.25
N LEU A 159 11.70 8.84 -22.48
CA LEU A 159 12.11 7.91 -21.45
C LEU A 159 11.19 7.97 -20.24
N GLU A 160 10.67 6.80 -19.86
CA GLU A 160 10.10 6.65 -18.53
C GLU A 160 11.05 5.78 -17.73
N LEU A 161 11.74 6.39 -16.79
CA LEU A 161 12.76 5.70 -16.03
C LEU A 161 12.09 5.06 -14.84
N ASN A 162 12.13 3.74 -14.81
CA ASN A 162 11.47 2.99 -13.77
C ASN A 162 12.35 2.92 -12.53
N LEU A 163 11.92 3.62 -11.48
CA LEU A 163 12.64 3.53 -10.21
C LEU A 163 11.88 2.72 -9.19
N SER A 164 11.00 1.84 -9.64
CA SER A 164 10.09 1.18 -8.71
C SER A 164 9.75 -0.25 -9.09
N CYS A 165 10.69 -0.96 -9.71
CA CYS A 165 10.46 -2.38 -9.94
C CYS A 165 10.50 -3.11 -8.60
N PRO A 166 9.39 -3.72 -8.18
CA PRO A 166 9.38 -4.32 -6.85
C PRO A 166 9.59 -5.84 -6.86
N ASN A 167 9.97 -6.41 -8.01
CA ASN A 167 9.87 -7.85 -8.24
C ASN A 167 11.14 -8.61 -8.54
N VAL A 168 12.23 -7.87 -8.74
CA VAL A 168 13.50 -8.55 -9.01
C VAL A 168 14.12 -8.95 -7.68
N PRO A 169 14.25 -10.27 -7.44
CA PRO A 169 14.76 -10.74 -6.16
C PRO A 169 16.09 -10.07 -5.83
N GLY A 170 16.23 -9.61 -4.59
CA GLY A 170 17.47 -8.99 -4.14
C GLY A 170 17.73 -7.60 -4.69
N LYS A 171 16.74 -7.00 -5.37
CA LYS A 171 16.86 -5.63 -5.87
C LYS A 171 15.78 -4.75 -5.27
N PRO A 172 16.15 -3.92 -4.27
CA PRO A 172 15.17 -2.98 -3.69
C PRO A 172 14.60 -2.03 -4.74
N GLN A 173 13.40 -1.53 -4.48
CA GLN A 173 12.86 -0.46 -5.30
C GLN A 173 13.74 0.75 -5.09
N VAL A 174 14.34 1.23 -6.18
CA VAL A 174 15.29 2.32 -6.11
C VAL A 174 14.72 3.53 -5.36
N ALA A 175 13.50 3.92 -5.72
CA ALA A 175 12.92 5.13 -5.16
C ALA A 175 12.50 4.98 -3.68
N TYR A 176 12.66 3.78 -3.13
CA TYR A 176 12.48 3.65 -1.68
C TYR A 176 13.78 3.91 -0.94
N ASP A 177 14.84 4.14 -1.68
CA ASP A 177 16.10 4.50 -1.07
C ASP A 177 16.41 5.86 -1.68
N PHE A 178 16.18 6.92 -0.91
CA PHE A 178 16.30 8.27 -1.46
C PHE A 178 17.70 8.59 -1.95
N ASP A 179 18.70 7.97 -1.35
CA ASP A 179 20.06 8.12 -1.86
C ASP A 179 20.24 7.43 -3.20
N ALA A 180 19.74 6.21 -3.31
CA ALA A 180 19.82 5.50 -4.58
C ALA A 180 19.02 6.27 -5.62
N MET A 181 17.90 6.85 -5.19
CA MET A 181 17.08 7.59 -6.14
C MET A 181 17.80 8.83 -6.63
N ARG A 182 18.34 9.61 -5.71
CA ARG A 182 19.06 10.81 -6.11
C ARG A 182 20.23 10.43 -7.00
N GLN A 183 20.95 9.39 -6.61
CA GLN A 183 22.09 8.98 -7.38
C GLN A 183 21.70 8.54 -8.79
N CYS A 184 20.61 7.79 -8.91
CA CYS A 184 20.17 7.34 -10.22
C CYS A 184 19.74 8.51 -11.10
N LEU A 185 19.03 9.46 -10.51
CA LEU A 185 18.54 10.61 -11.25
C LEU A 185 19.70 11.50 -11.63
N THR A 186 20.67 11.61 -10.73
CA THR A 186 21.89 12.35 -11.02
C THR A 186 22.60 11.75 -12.22
N ALA A 187 22.77 10.43 -12.19
CA ALA A 187 23.48 9.74 -13.27
C ALA A 187 22.77 9.89 -14.59
N VAL A 188 21.47 9.61 -14.61
CA VAL A 188 20.69 9.71 -15.83
C VAL A 188 20.68 11.16 -16.30
N SER A 189 20.45 12.10 -15.39
CA SER A 189 20.46 13.50 -15.79
C SER A 189 21.81 13.91 -16.37
N GLU A 190 22.89 13.33 -15.87
CA GLU A 190 24.21 13.70 -16.35
C GLU A 190 24.45 13.24 -17.78
N VAL A 191 23.98 12.05 -18.11
CA VAL A 191 24.31 11.43 -19.39
C VAL A 191 23.19 11.52 -20.42
N TYR A 192 21.99 11.89 -19.98
CA TYR A 192 20.85 11.82 -20.86
C TYR A 192 20.38 13.24 -21.13
N PRO A 193 20.62 13.73 -22.36
CA PRO A 193 20.38 15.14 -22.70
C PRO A 193 18.93 15.40 -23.10
N HIS A 194 17.99 14.82 -22.36
CA HIS A 194 16.58 15.03 -22.61
C HIS A 194 15.81 15.03 -21.32
N SER A 195 14.61 15.58 -21.38
CA SER A 195 13.68 15.45 -20.29
C SER A 195 13.24 13.99 -20.31
N PHE A 196 12.83 13.49 -19.15
CA PHE A 196 12.32 12.15 -19.02
C PHE A 196 11.38 12.15 -17.85
N GLY A 197 10.78 11.00 -17.59
CA GLY A 197 9.94 10.85 -16.44
C GLY A 197 10.43 9.72 -15.59
N VAL A 198 9.83 9.61 -14.42
CA VAL A 198 10.20 8.59 -13.50
C VAL A 198 8.93 7.88 -13.07
N LYS A 199 8.98 6.55 -13.12
CA LYS A 199 7.92 5.73 -12.63
C LYS A 199 8.21 5.48 -11.18
N MET A 200 7.30 5.93 -10.34
CA MET A 200 7.56 5.98 -8.91
C MET A 200 6.80 4.88 -8.17
N PRO A 201 7.39 4.35 -7.09
CA PRO A 201 6.63 3.45 -6.23
C PRO A 201 5.67 4.32 -5.42
N PRO A 202 4.61 3.71 -4.89
CA PRO A 202 3.80 4.51 -3.98
C PRO A 202 4.54 4.80 -2.66
N TYR A 203 4.31 6.00 -2.11
CA TYR A 203 4.72 6.31 -0.76
C TYR A 203 3.50 6.41 0.09
N PHE A 204 3.70 6.35 1.39
CA PHE A 204 2.60 6.17 2.31
C PHE A 204 2.66 7.12 3.46
N ASP A 205 3.46 8.17 3.31
CA ASP A 205 3.61 9.12 4.38
C ASP A 205 3.99 10.45 3.79
N PHE A 206 3.50 11.52 4.37
CA PHE A 206 3.82 12.85 3.85
C PHE A 206 5.31 13.11 3.90
N ALA A 207 5.99 12.55 4.90
CA ALA A 207 7.43 12.74 5.03
C ALA A 207 8.10 12.23 3.77
N HIS A 208 7.58 11.12 3.25
CA HIS A 208 8.17 10.52 2.06
C HIS A 208 7.74 11.24 0.80
N PHE A 209 6.47 11.66 0.73
CA PHE A 209 6.10 12.51 -0.39
C PHE A 209 7.03 13.71 -0.44
N ASP A 210 7.27 14.32 0.72
CA ASP A 210 8.12 15.50 0.76
C ASP A 210 9.53 15.19 0.33
N ALA A 211 10.08 14.11 0.88
CA ALA A 211 11.46 13.77 0.61
C ALA A 211 11.65 13.40 -0.85
N ALA A 212 10.72 12.60 -1.39
CA ALA A 212 10.80 12.22 -2.79
C ALA A 212 10.61 13.43 -3.68
N ALA A 213 9.64 14.28 -3.35
CA ALA A 213 9.39 15.47 -4.17
C ALA A 213 10.59 16.41 -4.17
N GLU A 214 11.20 16.58 -3.02
CA GLU A 214 12.38 17.44 -2.89
C GLU A 214 13.47 16.96 -3.83
N ILE A 215 13.68 15.64 -3.85
CA ILE A 215 14.68 15.08 -4.73
C ILE A 215 14.28 15.27 -6.19
N LEU A 216 13.05 14.92 -6.55
CA LEU A 216 12.62 15.07 -7.93
C LEU A 216 12.73 16.49 -8.43
N ASN A 217 12.42 17.44 -7.56
CA ASN A 217 12.47 18.85 -7.90
C ASN A 217 13.88 19.37 -8.13
N GLU A 218 14.85 18.57 -7.70
CA GLU A 218 16.25 18.90 -7.94
C GLU A 218 16.70 18.51 -9.33
N PHE A 219 15.82 17.85 -10.09
CA PHE A 219 16.16 17.38 -11.42
C PHE A 219 15.23 17.96 -12.46
N PRO A 220 15.63 19.08 -13.08
CA PRO A 220 14.74 19.72 -14.04
C PRO A 220 14.43 18.84 -15.24
N LYS A 221 15.29 17.87 -15.54
CA LYS A 221 15.00 16.97 -16.66
C LYS A 221 13.86 16.02 -16.37
N VAL A 222 13.58 15.78 -15.09
CA VAL A 222 12.44 14.94 -14.76
C VAL A 222 11.22 15.81 -14.94
N GLN A 223 10.55 15.61 -16.07
CA GLN A 223 9.45 16.48 -16.43
C GLN A 223 8.11 15.79 -16.23
N PHE A 224 8.16 14.48 -16.00
CA PHE A 224 6.96 13.81 -15.54
C PHE A 224 7.26 12.79 -14.48
N ILE A 225 6.25 12.52 -13.66
CA ILE A 225 6.35 11.56 -12.59
C ILE A 225 5.16 10.64 -12.77
N THR A 226 5.42 9.34 -12.90
CA THR A 226 4.33 8.40 -13.07
C THR A 226 4.10 7.77 -11.72
N CYS A 227 2.91 8.02 -11.19
CA CYS A 227 2.49 7.52 -9.91
C CYS A 227 1.26 6.68 -10.20
N ILE A 228 1.32 5.35 -10.03
CA ILE A 228 2.37 4.68 -9.30
C ILE A 228 2.67 3.35 -9.95
N ASN A 229 3.80 2.79 -9.56
CA ASN A 229 4.04 1.40 -9.79
C ASN A 229 3.16 0.62 -8.81
N SER A 230 3.23 -0.70 -8.89
CA SER A 230 2.48 -1.55 -8.00
C SER A 230 2.66 -1.18 -6.54
N ILE A 231 1.66 -1.49 -5.72
CA ILE A 231 1.88 -1.52 -4.29
C ILE A 231 2.75 -2.75 -4.06
N GLY A 232 3.98 -2.53 -3.63
CA GLY A 232 5.00 -3.56 -3.66
C GLY A 232 4.75 -4.66 -2.67
N ASN A 233 5.07 -5.88 -3.09
CA ASN A 233 5.23 -6.99 -2.17
C ASN A 233 4.04 -7.24 -1.26
N GLY A 234 2.85 -7.23 -1.87
CA GLY A 234 1.67 -7.78 -1.25
C GLY A 234 1.79 -9.29 -1.32
N LEU A 235 0.91 -9.99 -0.62
CA LEU A 235 0.96 -11.43 -0.62
C LEU A 235 -0.45 -11.88 -0.76
N VAL A 236 -0.76 -12.47 -1.89
CA VAL A 236 -2.08 -13.03 -2.07
C VAL A 236 -2.02 -14.48 -1.67
N ILE A 237 -2.96 -14.88 -0.82
CA ILE A 237 -3.08 -16.26 -0.40
C ILE A 237 -4.43 -16.76 -0.84
N ASP A 238 -4.41 -17.90 -1.49
CA ASP A 238 -5.63 -18.53 -1.97
C ASP A 238 -6.12 -19.40 -0.83
N ALA A 239 -7.29 -19.07 -0.28
CA ALA A 239 -7.82 -19.81 0.87
C ALA A 239 -8.08 -21.24 0.50
N GLU A 240 -8.46 -21.47 -0.76
CA GLU A 240 -8.76 -22.83 -1.21
C GLU A 240 -7.51 -23.70 -1.26
N THR A 241 -6.43 -23.18 -1.83
CA THR A 241 -5.22 -23.98 -1.95
C THR A 241 -4.32 -23.83 -0.73
N GLU A 242 -4.64 -22.88 0.15
CA GLU A 242 -3.78 -22.56 1.30
C GLU A 242 -2.36 -22.25 0.87
N SER A 243 -2.26 -21.59 -0.27
CA SER A 243 -0.99 -21.32 -0.86
C SER A 243 -1.00 -19.90 -1.38
N VAL A 244 0.19 -19.40 -1.64
CA VAL A 244 0.35 -18.17 -2.40
C VAL A 244 -0.01 -18.50 -3.84
N VAL A 245 -0.04 -17.48 -4.68
CA VAL A 245 -0.56 -17.64 -6.02
C VAL A 245 0.46 -17.34 -7.10
N ILE A 246 1.61 -16.84 -6.70
CA ILE A 246 2.71 -16.68 -7.64
C ILE A 246 3.95 -17.31 -7.04
N LYS A 247 4.84 -17.74 -7.92
CA LYS A 247 6.00 -18.52 -7.53
C LYS A 247 7.15 -17.71 -6.96
N PRO A 248 7.51 -16.58 -7.62
CA PRO A 248 8.72 -15.89 -7.17
C PRO A 248 8.55 -15.34 -5.77
N LYS A 249 9.65 -15.21 -5.06
CA LYS A 249 9.69 -14.45 -3.81
C LYS A 249 8.61 -14.88 -2.83
N GLN A 250 8.43 -16.20 -2.71
CA GLN A 250 7.55 -16.77 -1.70
C GLN A 250 6.12 -16.25 -1.86
N GLY A 251 5.78 -15.80 -3.07
CA GLY A 251 4.41 -15.36 -3.34
C GLY A 251 4.18 -13.87 -3.21
N PHE A 252 5.22 -13.13 -2.84
CA PHE A 252 5.12 -11.69 -2.66
C PHE A 252 5.27 -11.03 -4.00
N GLY A 253 4.35 -10.11 -4.30
CA GLY A 253 4.35 -9.52 -5.62
C GLY A 253 3.68 -8.18 -5.59
N GLY A 254 3.88 -7.41 -6.66
CA GLY A 254 3.28 -6.08 -6.75
C GLY A 254 1.78 -6.20 -6.96
N LEU A 255 1.04 -5.36 -6.27
CA LEU A 255 -0.41 -5.35 -6.37
C LEU A 255 -0.81 -4.27 -7.35
N GLY A 256 -1.78 -4.57 -8.21
CA GLY A 256 -2.31 -3.56 -9.11
C GLY A 256 -3.81 -3.67 -9.06
N GLY A 257 -4.50 -2.78 -9.76
CA GLY A 257 -5.93 -2.89 -9.88
C GLY A 257 -6.66 -2.17 -8.80
N ARG A 258 -7.85 -2.65 -8.45
N ARG A 258 -7.84 -2.66 -8.42
CA ARG A 258 -8.71 -1.97 -7.49
CA ARG A 258 -8.72 -1.94 -7.48
C ARG A 258 -7.99 -1.65 -6.19
C ARG A 258 -8.16 -1.77 -6.07
N TYR A 259 -7.17 -2.59 -5.72
CA TYR A 259 -6.44 -2.44 -4.48
C TYR A 259 -5.73 -1.11 -4.37
N VAL A 260 -5.29 -0.59 -5.51
CA VAL A 260 -4.28 0.45 -5.47
C VAL A 260 -4.82 1.83 -5.78
N LEU A 261 -6.09 1.92 -6.13
CA LEU A 261 -6.57 3.20 -6.62
C LEU A 261 -6.38 4.37 -5.62
N PRO A 262 -6.83 4.22 -4.36
CA PRO A 262 -6.62 5.40 -3.47
C PRO A 262 -5.15 5.73 -3.21
N THR A 263 -4.30 4.70 -3.19
CA THR A 263 -2.86 4.92 -3.07
C THR A 263 -2.33 5.63 -4.31
N ALA A 264 -2.80 5.22 -5.47
CA ALA A 264 -2.37 5.87 -6.70
C ALA A 264 -2.81 7.33 -6.69
N LEU A 265 -4.09 7.55 -6.38
CA LEU A 265 -4.59 8.92 -6.35
C LEU A 265 -3.82 9.76 -5.36
N ALA A 266 -3.50 9.17 -4.21
CA ALA A 266 -2.74 9.88 -3.18
C ALA A 266 -1.40 10.30 -3.75
N ASN A 267 -0.73 9.38 -4.41
CA ASN A 267 0.60 9.69 -4.90
C ASN A 267 0.54 10.65 -6.04
N ILE A 268 -0.39 10.43 -6.95
CA ILE A 268 -0.61 11.38 -8.04
C ILE A 268 -0.80 12.77 -7.45
N ASN A 269 -1.70 12.89 -6.51
CA ASN A 269 -2.00 14.20 -5.97
C ASN A 269 -0.86 14.74 -5.14
N ALA A 270 -0.23 13.87 -4.36
CA ALA A 270 0.88 14.29 -3.50
C ALA A 270 1.99 14.94 -4.34
N PHE A 271 2.34 14.30 -5.45
CA PHE A 271 3.38 14.82 -6.31
C PHE A 271 2.89 15.92 -7.22
N TYR A 272 1.63 15.84 -7.62
CA TYR A 272 1.03 16.95 -8.34
C TYR A 272 1.19 18.27 -7.57
N ARG A 273 0.91 18.19 -6.26
CA ARG A 273 1.05 19.32 -5.37
C ARG A 273 2.49 19.71 -5.13
N ARG A 274 3.34 18.71 -4.88
CA ARG A 274 4.70 18.99 -4.43
C ARG A 274 5.67 19.20 -5.55
N CYS A 275 5.31 18.79 -6.76
CA CYS A 275 6.17 19.00 -7.92
C CYS A 275 5.44 19.82 -8.95
N PRO A 276 5.18 21.11 -8.63
CA PRO A 276 4.34 21.87 -9.54
C PRO A 276 4.98 22.15 -10.90
N GLY A 277 6.30 22.00 -11.00
CA GLY A 277 7.00 22.20 -12.26
C GLY A 277 6.94 20.96 -13.14
N LYS A 278 6.31 19.90 -12.66
CA LYS A 278 6.35 18.62 -13.38
C LYS A 278 4.95 18.12 -13.69
N LEU A 279 4.85 17.26 -14.70
CA LEU A 279 3.61 16.59 -15.02
C LEU A 279 3.52 15.36 -14.18
N ILE A 280 2.30 14.93 -13.88
CA ILE A 280 2.11 13.68 -13.19
C ILE A 280 1.40 12.79 -14.16
N PHE A 281 1.88 11.56 -14.28
CA PHE A 281 1.12 10.56 -15.01
C PHE A 281 0.52 9.64 -13.97
N GLY A 282 -0.78 9.38 -14.08
CA GLY A 282 -1.42 8.49 -13.13
C GLY A 282 -1.28 7.07 -13.61
N CYS A 283 -1.12 6.17 -12.66
CA CYS A 283 -1.13 4.76 -12.99
C CYS A 283 -1.62 4.05 -11.76
N GLY A 284 -2.60 3.19 -11.91
CA GLY A 284 -3.04 2.43 -10.76
C GLY A 284 -4.52 2.41 -10.58
N GLY A 285 -5.10 1.24 -10.76
CA GLY A 285 -6.50 1.05 -10.46
C GLY A 285 -7.47 1.64 -11.47
N VAL A 286 -7.00 1.93 -12.68
CA VAL A 286 -7.91 2.47 -13.69
C VAL A 286 -8.59 1.31 -14.39
N TYR A 287 -9.91 1.23 -14.24
CA TYR A 287 -10.69 0.24 -14.99
C TYR A 287 -11.75 0.92 -15.81
N THR A 288 -12.09 2.14 -15.45
CA THR A 288 -13.21 2.80 -16.08
C THR A 288 -12.84 4.22 -16.38
N GLY A 289 -13.62 4.86 -17.23
CA GLY A 289 -13.47 6.28 -17.46
C GLY A 289 -13.58 7.06 -16.16
N GLU A 290 -14.43 6.60 -15.26
CA GLU A 290 -14.58 7.27 -13.98
C GLU A 290 -13.27 7.22 -13.17
N ASP A 291 -12.63 6.05 -13.15
CA ASP A 291 -11.37 5.90 -12.44
C ASP A 291 -10.38 6.86 -13.07
N ALA A 292 -10.38 6.92 -14.39
CA ALA A 292 -9.50 7.83 -15.11
C ALA A 292 -9.80 9.28 -14.73
N PHE A 293 -11.07 9.59 -14.64
CA PHE A 293 -11.51 10.92 -14.25
C PHE A 293 -10.90 11.27 -12.88
N LEU A 294 -10.95 10.32 -11.95
CA LEU A 294 -10.33 10.50 -10.64
C LEU A 294 -8.84 10.78 -10.72
N HIS A 295 -8.12 10.02 -11.54
CA HIS A 295 -6.71 10.26 -11.72
C HIS A 295 -6.47 11.69 -12.16
N VAL A 296 -7.26 12.15 -13.13
CA VAL A 296 -7.03 13.47 -13.68
C VAL A 296 -7.37 14.50 -12.64
N LEU A 297 -8.47 14.27 -11.92
CA LEU A 297 -8.87 15.17 -10.85
C LEU A 297 -7.76 15.30 -9.81
N ALA A 298 -7.07 14.19 -9.56
CA ALA A 298 -5.94 14.17 -8.62
C ALA A 298 -4.71 14.91 -9.17
N GLY A 299 -4.68 15.10 -10.49
CA GLY A 299 -3.59 15.84 -11.12
C GLY A 299 -2.93 15.13 -12.30
N ALA A 300 -3.41 13.94 -12.66
CA ALA A 300 -2.81 13.21 -13.77
C ALA A 300 -3.03 13.89 -15.13
N SER A 301 -1.94 13.94 -15.90
CA SER A 301 -1.96 14.35 -17.30
C SER A 301 -2.24 13.16 -18.21
N MET A 302 -1.43 12.11 -18.10
CA MET A 302 -1.67 10.85 -18.79
C MET A 302 -2.19 9.90 -17.76
N VAL A 303 -2.91 8.88 -18.22
CA VAL A 303 -3.48 7.88 -17.34
C VAL A 303 -3.07 6.53 -17.89
N GLN A 304 -2.31 5.79 -17.11
CA GLN A 304 -1.84 4.49 -17.54
C GLN A 304 -2.70 3.42 -16.98
N VAL A 305 -2.83 2.34 -17.73
CA VAL A 305 -3.76 1.28 -17.43
C VAL A 305 -2.95 0.00 -17.47
N GLY A 306 -2.93 -0.71 -16.34
CA GLY A 306 -2.16 -1.93 -16.23
C GLY A 306 -3.07 -3.11 -16.14
N THR A 307 -3.43 -3.45 -14.91
CA THR A 307 -4.20 -4.65 -14.65
C THR A 307 -5.43 -4.73 -15.57
N ALA A 308 -6.16 -3.63 -15.70
CA ALA A 308 -7.41 -3.68 -16.47
C ALA A 308 -7.11 -4.01 -17.91
N LEU A 309 -6.00 -3.47 -18.41
CA LEU A 309 -5.56 -3.71 -19.77
C LEU A 309 -5.10 -5.16 -19.90
N GLN A 310 -4.37 -5.63 -18.89
CA GLN A 310 -3.92 -7.01 -18.90
C GLN A 310 -5.11 -7.96 -19.07
N GLU A 311 -6.21 -7.62 -18.39
CA GLU A 311 -7.37 -8.50 -18.38
CA GLU A 311 -7.43 -8.45 -18.34
C GLU A 311 -8.26 -8.30 -19.60
N GLU A 312 -8.23 -7.11 -20.20
CA GLU A 312 -9.19 -6.81 -21.26
C GLU A 312 -8.57 -6.71 -22.65
N GLY A 313 -7.29 -6.42 -22.71
CA GLY A 313 -6.63 -6.25 -24.00
C GLY A 313 -6.79 -4.81 -24.47
N PRO A 314 -6.06 -4.45 -25.53
CA PRO A 314 -6.00 -3.04 -25.92
C PRO A 314 -7.33 -2.45 -26.38
N SER A 315 -8.33 -3.28 -26.62
CA SER A 315 -9.67 -2.77 -26.93
C SER A 315 -10.17 -1.89 -25.78
N ILE A 316 -9.58 -2.08 -24.60
CA ILE A 316 -9.98 -1.31 -23.42
C ILE A 316 -9.90 0.19 -23.68
N PHE A 317 -8.97 0.60 -24.54
CA PHE A 317 -8.79 2.03 -24.73
C PHE A 317 -9.96 2.70 -25.42
N GLU A 318 -10.66 1.96 -26.28
CA GLU A 318 -11.87 2.50 -26.90
C GLU A 318 -12.93 2.67 -25.85
N ARG A 319 -13.03 1.69 -24.96
CA ARG A 319 -13.98 1.76 -23.88
C ARG A 319 -13.63 2.90 -22.94
N LEU A 320 -12.36 2.99 -22.56
CA LEU A 320 -11.95 4.01 -21.58
C LEU A 320 -12.11 5.41 -22.11
N THR A 321 -11.79 5.62 -23.38
CA THR A 321 -12.01 6.93 -23.99
C THR A 321 -13.49 7.29 -24.00
N SER A 322 -14.33 6.38 -24.46
CA SER A 322 -15.76 6.69 -24.50
C SER A 322 -16.28 6.88 -23.08
N GLU A 323 -15.83 6.06 -22.14
CA GLU A 323 -16.29 6.20 -20.76
C GLU A 323 -15.85 7.51 -20.14
N LEU A 324 -14.61 7.90 -20.38
CA LEU A 324 -14.11 9.15 -19.82
C LEU A 324 -14.87 10.33 -20.42
N LEU A 325 -15.07 10.30 -21.74
CA LEU A 325 -15.90 11.30 -22.40
C LEU A 325 -17.31 11.34 -21.84
N GLY A 326 -17.88 10.17 -21.58
CA GLY A 326 -19.22 10.06 -21.00
C GLY A 326 -19.25 10.68 -19.62
N VAL A 327 -18.22 10.43 -18.83
CA VAL A 327 -18.11 11.05 -17.51
C VAL A 327 -18.03 12.56 -17.64
N MET A 328 -17.18 13.02 -18.55
CA MET A 328 -17.01 14.43 -18.75
C MET A 328 -18.30 15.08 -19.27
N ALA A 329 -19.00 14.37 -20.16
CA ALA A 329 -20.27 14.85 -20.70
C ALA A 329 -21.29 15.00 -19.58
N LYS A 330 -21.41 13.99 -18.73
CA LYS A 330 -22.32 14.05 -17.58
C LYS A 330 -21.96 15.17 -16.61
N LYS A 331 -20.66 15.46 -16.50
CA LYS A 331 -20.19 16.48 -15.57
C LYS A 331 -20.03 17.82 -16.22
N ARG A 332 -20.32 17.87 -17.53
CA ARG A 332 -20.20 19.09 -18.32
C ARG A 332 -18.77 19.62 -18.31
N TYR A 333 -17.83 18.71 -18.51
CA TYR A 333 -16.46 19.08 -18.80
C TYR A 333 -16.19 18.90 -20.28
N GLN A 334 -15.43 19.82 -20.85
CA GLN A 334 -15.11 19.76 -22.27
C GLN A 334 -13.69 19.32 -22.50
N THR A 335 -12.81 19.67 -21.58
CA THR A 335 -11.40 19.32 -21.73
C THR A 335 -10.89 18.82 -20.39
N LEU A 336 -9.75 18.13 -20.43
CA LEU A 336 -9.13 17.61 -19.21
C LEU A 336 -8.56 18.73 -18.37
N ASP A 337 -8.05 19.77 -19.03
CA ASP A 337 -7.57 20.98 -18.36
C ASP A 337 -8.56 21.56 -17.36
N GLU A 338 -9.85 21.32 -17.62
CA GLU A 338 -10.90 21.93 -16.83
C GLU A 338 -11.00 21.38 -15.42
N PHE A 339 -10.52 20.17 -15.21
CA PHE A 339 -10.58 19.58 -13.88
C PHE A 339 -9.30 18.91 -13.44
N ARG A 340 -8.29 18.85 -14.30
CA ARG A 340 -7.04 18.21 -13.89
C ARG A 340 -6.53 18.86 -12.62
N GLY A 341 -6.33 18.04 -11.59
CA GLY A 341 -5.74 18.53 -10.36
C GLY A 341 -6.70 19.34 -9.52
N LYS A 342 -7.98 19.37 -9.91
CA LYS A 342 -8.94 20.24 -9.22
C LYS A 342 -9.75 19.55 -8.14
N VAL A 343 -9.27 18.39 -7.68
CA VAL A 343 -9.95 17.67 -6.62
C VAL A 343 -10.16 18.64 -5.47
N ARG A 344 -11.39 18.69 -4.97
CA ARG A 344 -11.70 19.61 -3.89
C ARG A 344 -11.35 18.99 -2.54
N THR A 345 -10.63 19.74 -1.71
CA THR A 345 -10.42 19.29 -0.34
C THR A 345 -11.47 19.92 0.55
N LEU A 346 -11.60 19.39 1.76
CA LEU A 346 -12.60 19.85 2.70
C LEU A 346 -11.94 20.74 3.77
N SER B 34 -13.50 -32.45 17.22
CA SER B 34 -13.92 -31.04 17.51
C SER B 34 -12.75 -30.04 17.47
N MET B 35 -13.09 -28.76 17.59
CA MET B 35 -12.23 -27.68 17.14
C MET B 35 -12.14 -26.62 18.20
N SER B 36 -11.07 -25.83 18.16
CA SER B 36 -10.89 -24.76 19.11
C SER B 36 -10.27 -23.61 18.37
N LEU B 37 -10.75 -22.40 18.66
CA LEU B 37 -10.10 -21.20 18.17
C LEU B 37 -9.20 -20.69 19.26
N GLN B 38 -8.96 -21.50 20.27
CA GLN B 38 -8.12 -21.03 21.37
C GLN B 38 -6.74 -20.58 20.91
N VAL B 39 -6.26 -19.51 21.53
CA VAL B 39 -4.92 -19.00 21.31
C VAL B 39 -4.28 -18.85 22.67
N ASN B 40 -3.05 -19.32 22.80
CA ASN B 40 -2.29 -19.12 24.02
C ASN B 40 -1.07 -18.30 23.73
N LEU B 41 -0.91 -17.20 24.45
CA LEU B 41 0.27 -16.39 24.26
C LEU B 41 0.38 -15.47 25.44
N LEU B 42 1.62 -15.10 25.75
CA LEU B 42 1.94 -14.19 26.85
C LEU B 42 1.18 -14.53 28.12
N ASN B 43 1.25 -15.80 28.53
N ASN B 43 1.26 -15.81 28.49
CA ASN B 43 0.62 -16.26 29.76
CA ASN B 43 0.65 -16.30 29.71
C ASN B 43 -0.89 -16.11 29.79
C ASN B 43 -0.85 -16.06 29.78
N ASN B 44 -1.50 -16.02 28.62
CA ASN B 44 -2.94 -15.87 28.55
C ASN B 44 -3.56 -16.87 27.65
N THR B 45 -4.81 -17.17 27.93
CA THR B 45 -5.62 -17.97 27.05
C THR B 45 -6.66 -17.07 26.41
N PHE B 46 -6.79 -17.16 25.10
CA PHE B 46 -7.79 -16.39 24.40
C PHE B 46 -8.74 -17.38 23.83
N ALA B 47 -10.03 -17.12 24.00
CA ALA B 47 -11.06 -18.01 23.54
C ALA B 47 -10.99 -18.13 22.02
N ASN B 48 -10.61 -17.05 21.36
CA ASN B 48 -10.48 -17.09 19.91
C ASN B 48 -9.50 -16.00 19.49
N PRO B 49 -9.02 -16.00 18.24
CA PRO B 49 -7.99 -15.04 17.91
C PRO B 49 -8.50 -13.61 17.70
N PHE B 50 -9.82 -13.44 17.66
CA PHE B 50 -10.36 -12.15 17.24
C PHE B 50 -10.34 -11.09 18.29
N MET B 51 -10.05 -9.88 17.83
CA MET B 51 -10.15 -8.71 18.66
C MET B 51 -10.37 -7.52 17.76
N ASN B 52 -10.75 -6.39 18.33
CA ASN B 52 -10.84 -5.21 17.53
C ASN B 52 -9.42 -4.79 17.16
N ALA B 53 -9.34 -4.06 16.06
CA ALA B 53 -8.14 -3.34 15.72
C ALA B 53 -8.13 -2.10 16.60
N ALA B 54 -6.95 -1.70 17.07
CA ALA B 54 -6.86 -0.52 17.92
C ALA B 54 -7.49 0.65 17.20
N GLY B 55 -8.19 1.48 17.96
CA GLY B 55 -8.85 2.64 17.37
C GLY B 55 -10.26 2.37 16.91
N VAL B 56 -10.61 1.11 16.69
CA VAL B 56 -11.97 0.81 16.25
C VAL B 56 -12.80 0.32 17.42
N MET B 57 -13.87 1.08 17.68
CA MET B 57 -14.85 0.76 18.71
CA MET B 57 -14.86 0.77 18.72
C MET B 57 -14.20 0.40 20.06
N CYS B 58 -13.28 1.26 20.49
CA CYS B 58 -12.55 1.01 21.74
C CYS B 58 -12.01 2.31 22.32
N THR B 59 -12.77 3.37 22.16
CA THR B 59 -12.33 4.67 22.66
C THR B 59 -13.00 4.95 23.99
N THR B 60 -14.30 4.67 24.09
CA THR B 60 -15.06 5.02 25.28
C THR B 60 -15.24 3.84 26.20
N THR B 61 -15.64 4.12 27.43
CA THR B 61 -15.96 3.07 28.37
C THR B 61 -17.01 2.14 27.77
N GLU B 62 -18.06 2.71 27.20
CA GLU B 62 -19.13 1.92 26.60
C GLU B 62 -18.60 0.98 25.51
N GLU B 63 -17.67 1.48 24.69
CA GLU B 63 -17.10 0.67 23.61
C GLU B 63 -16.23 -0.43 24.17
N LEU B 64 -15.47 -0.11 25.20
CA LEU B 64 -14.56 -1.08 25.79
C LEU B 64 -15.37 -2.17 26.48
N VAL B 65 -16.45 -1.76 27.16
CA VAL B 65 -17.35 -2.75 27.75
C VAL B 65 -18.03 -3.60 26.66
N ALA B 66 -18.47 -2.96 25.58
CA ALA B 66 -19.10 -3.72 24.49
C ALA B 66 -18.11 -4.72 23.90
N MET B 67 -16.85 -4.30 23.71
CA MET B 67 -15.83 -5.22 23.20
C MET B 67 -15.61 -6.38 24.16
N THR B 68 -15.59 -6.06 25.46
CA THR B 68 -15.43 -7.08 26.50
C THR B 68 -16.61 -8.06 26.52
N GLU B 69 -17.82 -7.52 26.35
CA GLU B 69 -19.05 -8.33 26.34
CA GLU B 69 -19.03 -8.36 26.34
C GLU B 69 -19.20 -9.12 25.03
N SER B 70 -18.48 -8.69 23.99
CA SER B 70 -18.58 -9.32 22.67
C SER B 70 -17.97 -10.72 22.67
N ALA B 71 -18.15 -11.44 21.57
CA ALA B 71 -17.58 -12.78 21.44
C ALA B 71 -16.08 -12.74 21.12
N SER B 72 -15.50 -11.54 21.03
CA SER B 72 -14.08 -11.44 20.66
C SER B 72 -13.20 -12.18 21.66
N GLY B 73 -12.06 -12.68 21.19
CA GLY B 73 -11.07 -13.29 22.07
C GLY B 73 -10.38 -12.25 22.92
N SER B 74 -10.24 -11.03 22.42
CA SER B 74 -9.62 -9.97 23.21
C SER B 74 -10.13 -8.64 22.70
N LEU B 75 -9.48 -7.57 23.15
CA LEU B 75 -9.80 -6.26 22.69
C LEU B 75 -8.57 -5.43 22.99
N VAL B 76 -8.47 -4.32 22.29
CA VAL B 76 -7.42 -3.37 22.52
C VAL B 76 -8.06 -2.00 22.64
N SER B 77 -7.59 -1.20 23.59
CA SER B 77 -8.12 0.13 23.80
C SER B 77 -7.59 1.05 22.71
N LYS B 78 -8.31 2.14 22.43
CA LYS B 78 -7.85 3.14 21.47
C LYS B 78 -6.43 3.61 21.77
N SER B 79 -5.58 3.71 20.75
CA SER B 79 -4.25 4.25 20.94
C SER B 79 -4.33 5.55 21.71
N CYS B 80 -3.61 5.60 22.83
CA CYS B 80 -3.74 6.75 23.69
C CYS B 80 -2.53 7.64 23.63
N THR B 81 -2.77 8.89 23.97
CA THR B 81 -1.72 9.87 24.16
C THR B 81 -1.78 10.22 25.64
N PRO B 82 -0.74 10.91 26.16
CA PRO B 82 -0.72 11.13 27.60
C PRO B 82 -1.97 11.86 28.09
N ALA B 83 -2.43 12.81 27.28
CA ALA B 83 -3.63 13.58 27.59
C ALA B 83 -4.66 13.33 26.52
N LEU B 84 -5.93 13.58 26.83
CA LEU B 84 -7.00 13.38 25.85
C LEU B 84 -6.67 14.19 24.60
N ARG B 85 -7.20 13.72 23.47
CA ARG B 85 -7.03 14.38 22.19
C ARG B 85 -8.37 14.39 21.53
N GLU B 86 -8.73 15.55 21.00
CA GLU B 86 -9.93 15.71 20.21
C GLU B 86 -9.78 15.00 18.86
N GLY B 87 -8.54 14.94 18.38
CA GLY B 87 -8.26 14.30 17.11
C GLY B 87 -8.47 15.29 15.98
N ASN B 88 -8.51 14.77 14.76
CA ASN B 88 -8.55 15.63 13.59
C ASN B 88 -9.96 16.16 13.31
N PRO B 89 -10.07 17.24 12.50
CA PRO B 89 -11.41 17.72 12.13
C PRO B 89 -12.22 16.67 11.36
N THR B 90 -13.53 16.71 11.54
CA THR B 90 -14.43 15.81 10.83
C THR B 90 -14.87 16.46 9.50
N PRO B 91 -15.29 15.64 8.52
CA PRO B 91 -15.34 14.18 8.58
C PRO B 91 -13.93 13.61 8.53
N ARG B 92 -13.70 12.56 9.29
CA ARG B 92 -12.37 12.00 9.36
C ARG B 92 -12.40 10.50 9.20
N TYR B 93 -13.58 9.96 8.93
CA TYR B 93 -13.69 8.56 8.61
C TYR B 93 -14.69 8.42 7.48
N GLN B 94 -14.38 7.56 6.51
CA GLN B 94 -15.35 7.28 5.46
C GLN B 94 -15.31 5.81 5.14
N ALA B 95 -16.46 5.14 5.29
CA ALA B 95 -16.61 3.76 4.87
C ALA B 95 -16.66 3.76 3.36
N LEU B 96 -16.10 2.72 2.75
CA LEU B 96 -16.00 2.65 1.31
C LEU B 96 -16.40 1.27 0.87
N PRO B 97 -16.83 1.12 -0.40
CA PRO B 97 -17.10 -0.22 -0.90
C PRO B 97 -15.96 -1.20 -0.60
N LEU B 98 -14.72 -0.76 -0.75
CA LEU B 98 -13.59 -1.66 -0.57
C LEU B 98 -12.88 -1.49 0.77
N GLY B 99 -13.49 -0.76 1.70
CA GLY B 99 -12.86 -0.66 2.99
C GLY B 99 -13.21 0.64 3.67
N SER B 100 -12.19 1.38 4.04
CA SER B 100 -12.36 2.64 4.74
C SER B 100 -11.14 3.50 4.56
N ILE B 101 -11.34 4.80 4.73
CA ILE B 101 -10.24 5.72 4.84
C ILE B 101 -10.49 6.56 6.09
N ASN B 102 -9.46 6.85 6.87
CA ASN B 102 -9.68 7.71 8.01
C ASN B 102 -8.48 8.57 8.23
N SER B 103 -8.70 9.70 8.86
CA SER B 103 -7.60 10.42 9.45
C SER B 103 -8.13 10.83 10.81
N MET B 104 -8.34 9.86 11.69
CA MET B 104 -8.94 10.18 12.98
C MET B 104 -8.07 11.16 13.75
N GLY B 105 -6.77 10.90 13.74
CA GLY B 105 -5.80 11.80 14.40
C GLY B 105 -5.71 11.53 15.88
N LEU B 106 -5.81 10.24 16.25
CA LEU B 106 -5.77 9.79 17.64
C LEU B 106 -6.74 10.51 18.60
N PRO B 107 -8.03 10.62 18.23
CA PRO B 107 -8.93 11.13 19.25
C PRO B 107 -8.98 10.04 20.31
N ASN B 108 -8.77 10.40 21.55
CA ASN B 108 -8.74 9.40 22.58
C ASN B 108 -8.89 10.09 23.90
N ASN B 109 -9.28 9.32 24.90
CA ASN B 109 -9.57 9.89 26.20
C ASN B 109 -8.35 10.16 27.04
N GLY B 110 -7.18 9.86 26.50
CA GLY B 110 -5.95 10.09 27.25
C GLY B 110 -5.57 8.82 27.97
N PHE B 111 -4.26 8.69 28.21
CA PHE B 111 -3.68 7.54 28.83
C PHE B 111 -4.31 7.20 30.19
N ASP B 112 -4.49 8.21 31.06
CA ASP B 112 -5.05 7.95 32.39
C ASP B 112 -6.33 7.17 32.29
N PHE B 113 -7.15 7.51 31.31
CA PHE B 113 -8.46 6.91 31.14
C PHE B 113 -8.33 5.43 30.81
N TYR B 114 -7.44 5.11 29.88
CA TYR B 114 -7.28 3.72 29.45
C TYR B 114 -6.55 2.94 30.51
N LEU B 115 -5.60 3.61 31.16
CA LEU B 115 -4.92 3.02 32.29
C LEU B 115 -5.91 2.65 33.38
N ALA B 116 -6.81 3.58 33.73
CA ALA B 116 -7.86 3.31 34.72
C ALA B 116 -8.79 2.22 34.26
N TYR B 117 -9.11 2.19 32.97
CA TYR B 117 -9.95 1.10 32.49
C TYR B 117 -9.24 -0.22 32.76
N ALA B 118 -7.96 -0.28 32.44
CA ALA B 118 -7.18 -1.50 32.58
C ALA B 118 -6.99 -1.89 34.05
N ALA B 119 -6.73 -0.88 34.88
CA ALA B 119 -6.44 -1.08 36.30
C ALA B 119 -7.68 -1.44 37.12
N GLU B 120 -8.80 -0.81 36.82
CA GLU B 120 -9.94 -0.80 37.73
C GLU B 120 -11.22 -1.38 37.16
N GLN B 121 -11.40 -1.31 35.85
CA GLN B 121 -12.72 -1.63 35.29
C GLN B 121 -12.77 -2.91 34.48
N HIS B 122 -11.71 -3.17 33.73
CA HIS B 122 -11.77 -4.28 32.80
C HIS B 122 -11.94 -5.60 33.52
N ASP B 123 -12.89 -6.41 33.04
CA ASP B 123 -13.06 -7.75 33.55
C ASP B 123 -12.15 -8.73 32.83
N TYR B 124 -10.99 -8.98 33.44
CA TYR B 124 -9.98 -9.89 32.89
C TYR B 124 -10.46 -11.32 32.95
N GLY B 125 -11.45 -11.56 33.80
CA GLY B 125 -12.15 -12.83 33.83
C GLY B 125 -12.81 -13.12 32.49
N LYS B 126 -13.20 -12.06 31.78
CA LYS B 126 -13.87 -12.25 30.49
C LYS B 126 -12.87 -12.50 29.37
N LYS B 127 -11.87 -11.63 29.25
CA LYS B 127 -10.82 -11.79 28.24
C LYS B 127 -9.64 -10.88 28.56
N PRO B 128 -8.46 -11.21 28.02
CA PRO B 128 -7.31 -10.35 28.21
C PRO B 128 -7.53 -9.02 27.53
N LEU B 129 -6.79 -8.02 27.98
CA LEU B 129 -6.94 -6.67 27.49
C LEU B 129 -5.60 -6.21 26.97
N PHE B 130 -5.62 -5.62 25.78
CA PHE B 130 -4.47 -4.90 25.29
C PHE B 130 -4.75 -3.42 25.40
N LEU B 131 -3.71 -2.69 25.74
CA LEU B 131 -3.80 -1.25 25.77
C LEU B 131 -2.93 -0.72 24.66
N SER B 132 -3.53 -0.01 23.72
CA SER B 132 -2.73 0.60 22.68
C SER B 132 -2.23 1.96 23.09
N MET B 133 -0.95 2.18 22.86
CA MET B 133 -0.33 3.41 23.25
C MET B 133 0.27 4.05 22.03
N SER B 134 -0.01 5.32 21.83
CA SER B 134 0.57 6.01 20.69
C SER B 134 1.01 7.41 21.06
N GLY B 135 2.02 7.51 21.93
CA GLY B 135 2.58 8.81 22.28
C GLY B 135 3.05 9.51 21.02
N LEU B 136 3.01 10.83 21.03
CA LEU B 136 3.43 11.58 19.86
C LEU B 136 4.94 11.77 19.83
N SER B 137 5.59 11.36 20.91
CA SER B 137 7.03 11.37 20.93
C SER B 137 7.47 10.14 21.69
N MET B 138 8.74 9.77 21.50
CA MET B 138 9.34 8.72 22.28
C MET B 138 9.18 9.01 23.77
N ARG B 139 9.46 10.24 24.18
CA ARG B 139 9.33 10.62 25.58
C ARG B 139 7.90 10.37 26.10
N GLU B 140 6.90 10.67 25.29
CA GLU B 140 5.52 10.45 25.72
C GLU B 140 5.29 8.97 25.97
N ASN B 141 5.78 8.13 25.06
CA ASN B 141 5.66 6.69 25.25
C ASN B 141 6.37 6.20 26.50
N VAL B 142 7.60 6.66 26.68
CA VAL B 142 8.38 6.31 27.86
C VAL B 142 7.62 6.67 29.13
N GLU B 143 7.10 7.90 29.21
CA GLU B 143 6.41 8.34 30.42
C GLU B 143 5.15 7.54 30.69
N MET B 144 4.39 7.23 29.65
CA MET B 144 3.21 6.41 29.82
C MET B 144 3.59 4.98 30.22
N CYS B 145 4.61 4.41 29.59
CA CYS B 145 5.03 3.05 29.91
C CYS B 145 5.46 2.93 31.36
N LYS B 146 6.15 3.96 31.85
CA LYS B 146 6.54 4.00 33.24
C LYS B 146 5.35 3.76 34.15
N ARG B 147 4.22 4.38 33.83
CA ARG B 147 3.04 4.27 34.64
C ARG B 147 2.23 3.03 34.29
N LEU B 148 2.35 2.58 33.05
CA LEU B 148 1.63 1.38 32.66
C LEU B 148 2.22 0.14 33.34
N ALA B 149 3.53 0.16 33.56
CA ALA B 149 4.26 -0.98 34.12
C ALA B 149 3.55 -1.60 35.32
N ALA B 150 3.17 -0.78 36.30
CA ALA B 150 2.53 -1.30 37.51
C ALA B 150 1.18 -1.94 37.21
N VAL B 151 0.43 -1.35 36.28
CA VAL B 151 -0.89 -1.91 35.94
C VAL B 151 -0.78 -3.23 35.18
N ALA B 152 0.22 -3.31 34.29
CA ALA B 152 0.55 -4.56 33.60
C ALA B 152 0.89 -5.64 34.60
N THR B 153 1.77 -5.34 35.55
CA THR B 153 2.12 -6.27 36.63
C THR B 153 0.88 -6.74 37.38
N GLU B 154 0.08 -5.80 37.85
CA GLU B 154 -1.01 -6.10 38.75
C GLU B 154 -2.22 -6.73 38.06
N LYS B 155 -2.54 -6.26 36.85
CA LYS B 155 -3.77 -6.70 36.19
C LYS B 155 -3.54 -7.54 34.94
N GLY B 156 -2.36 -7.43 34.35
CA GLY B 156 -2.02 -8.24 33.18
C GLY B 156 -2.41 -7.64 31.84
N VAL B 157 -2.82 -6.36 31.83
CA VAL B 157 -3.02 -5.61 30.59
C VAL B 157 -1.74 -5.70 29.75
N ILE B 158 -1.89 -5.86 28.44
CA ILE B 158 -0.71 -6.05 27.61
C ILE B 158 -0.61 -4.84 26.71
N LEU B 159 0.59 -4.26 26.67
CA LEU B 159 0.82 -3.10 25.83
C LEU B 159 0.92 -3.47 24.34
N GLU B 160 0.15 -2.77 23.53
CA GLU B 160 0.43 -2.70 22.10
C GLU B 160 0.92 -1.30 21.78
N LEU B 161 2.21 -1.18 21.48
CA LEU B 161 2.83 0.10 21.24
C LEU B 161 2.67 0.45 19.77
N ASN B 162 1.96 1.53 19.52
CA ASN B 162 1.62 1.92 18.17
C ASN B 162 2.70 2.78 17.59
N LEU B 163 3.46 2.22 16.66
CA LEU B 163 4.52 2.98 16.00
C LEU B 163 4.13 3.31 14.56
N SER B 164 2.83 3.36 14.29
CA SER B 164 2.38 3.47 12.91
C SER B 164 1.16 4.35 12.70
N CYS B 165 0.94 5.31 13.59
CA CYS B 165 -0.16 6.24 13.37
C CYS B 165 0.13 7.08 12.13
N PRO B 166 -0.72 6.95 11.09
CA PRO B 166 -0.34 7.68 9.88
C PRO B 166 -1.13 8.98 9.68
N ASN B 167 -1.82 9.44 10.73
CA ASN B 167 -2.82 10.50 10.59
C ASN B 167 -2.61 11.75 11.39
N VAL B 168 -1.60 11.79 12.24
CA VAL B 168 -1.38 13.01 13.02
C VAL B 168 -0.52 13.94 12.18
N PRO B 169 -1.09 15.11 11.78
CA PRO B 169 -0.38 16.01 10.88
C PRO B 169 0.99 16.38 11.46
N GLY B 170 2.03 16.31 10.63
CA GLY B 170 3.39 16.65 11.05
C GLY B 170 4.07 15.58 11.90
N LYS B 171 3.42 14.44 12.09
CA LYS B 171 4.03 13.33 12.83
C LYS B 171 4.15 12.10 11.94
N PRO B 172 5.39 11.78 11.52
CA PRO B 172 5.54 10.62 10.64
C PRO B 172 5.35 9.30 11.39
N GLN B 173 5.10 8.24 10.64
CA GLN B 173 5.00 6.91 11.23
C GLN B 173 6.40 6.52 11.72
N VAL B 174 6.53 6.36 13.03
CA VAL B 174 7.83 6.11 13.63
C VAL B 174 8.51 4.88 13.01
N ALA B 175 7.70 3.86 12.73
CA ALA B 175 8.23 2.62 12.20
C ALA B 175 8.75 2.73 10.76
N TYR B 176 8.51 3.86 10.09
CA TYR B 176 9.13 4.10 8.80
C TYR B 176 10.50 4.75 8.94
N ASP B 177 10.87 5.03 10.17
CA ASP B 177 12.19 5.56 10.44
C ASP B 177 12.89 4.55 11.31
N PHE B 178 13.73 3.71 10.71
CA PHE B 178 14.30 2.58 11.45
C PHE B 178 15.10 2.99 12.67
N ASP B 179 15.85 4.08 12.57
CA ASP B 179 16.62 4.58 13.72
C ASP B 179 15.70 5.04 14.85
N ALA B 180 14.69 5.82 14.49
CA ALA B 180 13.72 6.29 15.48
C ALA B 180 13.01 5.12 16.14
N MET B 181 12.67 4.09 15.36
CA MET B 181 11.99 2.94 15.92
C MET B 181 12.90 2.22 16.90
N ARG B 182 14.13 1.95 16.50
CA ARG B 182 15.07 1.32 17.42
C ARG B 182 15.21 2.17 18.68
N GLN B 183 15.40 3.47 18.50
CA GLN B 183 15.47 4.40 19.63
C GLN B 183 14.27 4.24 20.57
N CYS B 184 13.07 4.26 19.99
CA CYS B 184 11.88 4.23 20.81
C CYS B 184 11.75 2.90 21.55
N LEU B 185 12.03 1.80 20.84
CA LEU B 185 11.96 0.49 21.46
C LEU B 185 12.99 0.34 22.56
N THR B 186 14.17 0.91 22.35
CA THR B 186 15.19 0.94 23.39
C THR B 186 14.66 1.69 24.60
N ALA B 187 14.15 2.90 24.37
CA ALA B 187 13.65 3.75 25.46
C ALA B 187 12.49 3.10 26.24
N VAL B 188 11.54 2.52 25.51
CA VAL B 188 10.42 1.81 26.13
C VAL B 188 10.89 0.56 26.89
N SER B 189 11.76 -0.23 26.26
CA SER B 189 12.24 -1.46 26.90
C SER B 189 12.95 -1.16 28.21
N GLU B 190 13.67 -0.04 28.23
CA GLU B 190 14.39 0.44 29.41
C GLU B 190 13.48 0.62 30.62
N VAL B 191 12.27 1.14 30.39
CA VAL B 191 11.39 1.51 31.49
C VAL B 191 10.20 0.57 31.67
N TYR B 192 10.02 -0.33 30.72
CA TYR B 192 8.83 -1.15 30.73
C TYR B 192 9.22 -2.61 30.94
N PRO B 193 9.09 -3.10 32.19
CA PRO B 193 9.59 -4.42 32.51
C PRO B 193 8.58 -5.50 32.16
N HIS B 194 8.05 -5.45 30.94
CA HIS B 194 7.10 -6.46 30.48
C HIS B 194 7.22 -6.69 29.00
N SER B 195 6.64 -7.80 28.57
CA SER B 195 6.45 -8.08 27.18
C SER B 195 5.48 -7.06 26.64
N PHE B 196 5.67 -6.71 25.37
CA PHE B 196 4.70 -5.87 24.69
C PHE B 196 4.74 -6.16 23.20
N GLY B 197 3.81 -5.59 22.47
CA GLY B 197 3.83 -5.74 21.04
C GLY B 197 3.93 -4.40 20.38
N VAL B 198 4.20 -4.44 19.08
CA VAL B 198 4.32 -3.23 18.33
C VAL B 198 3.34 -3.28 17.18
N LYS B 199 2.56 -2.22 17.05
CA LYS B 199 1.68 -2.06 15.92
C LYS B 199 2.48 -1.44 14.79
N MET B 200 2.65 -2.21 13.73
CA MET B 200 3.52 -1.81 12.63
C MET B 200 2.77 -1.25 11.44
N PRO B 201 3.39 -0.31 10.72
CA PRO B 201 2.83 0.09 9.45
C PRO B 201 3.17 -0.99 8.43
N PRO B 202 2.45 -1.04 7.31
CA PRO B 202 2.89 -1.98 6.30
C PRO B 202 4.20 -1.53 5.66
N TYR B 203 5.05 -2.49 5.34
CA TYR B 203 6.18 -2.24 4.46
C TYR B 203 5.91 -2.91 3.14
N PHE B 204 6.70 -2.51 2.16
CA PHE B 204 6.42 -2.83 0.78
C PHE B 204 7.62 -3.32 0.03
N ASP B 205 8.67 -3.67 0.74
CA ASP B 205 9.90 -4.12 0.08
C ASP B 205 10.57 -5.07 1.04
N PHE B 206 11.18 -6.13 0.53
CA PHE B 206 11.87 -7.07 1.41
C PHE B 206 12.98 -6.40 2.19
N ALA B 207 13.62 -5.38 1.60
CA ALA B 207 14.69 -4.69 2.33
C ALA B 207 14.15 -4.05 3.60
N HIS B 208 12.91 -3.59 3.54
CA HIS B 208 12.27 -2.99 4.70
C HIS B 208 11.75 -4.06 5.66
N PHE B 209 11.20 -5.15 5.14
CA PHE B 209 10.88 -6.25 6.03
C PHE B 209 12.12 -6.65 6.81
N ASP B 210 13.25 -6.80 6.12
CA ASP B 210 14.50 -7.19 6.78
C ASP B 210 14.93 -6.16 7.81
N ALA B 211 14.92 -4.90 7.40
CA ALA B 211 15.42 -3.85 8.27
C ALA B 211 14.54 -3.75 9.50
N ALA B 212 13.22 -3.83 9.30
CA ALA B 212 12.28 -3.70 10.40
C ALA B 212 12.39 -4.91 11.33
N ALA B 213 12.47 -6.10 10.74
CA ALA B 213 12.56 -7.33 11.51
C ALA B 213 13.86 -7.34 12.32
N GLU B 214 14.96 -6.92 11.70
CA GLU B 214 16.23 -6.86 12.41
C GLU B 214 16.11 -6.01 13.67
N ILE B 215 15.48 -4.85 13.53
CA ILE B 215 15.30 -3.98 14.69
C ILE B 215 14.41 -4.63 15.73
N LEU B 216 13.26 -5.15 15.30
CA LEU B 216 12.34 -5.74 16.25
C LEU B 216 12.98 -6.91 16.96
N ASN B 217 13.80 -7.66 16.23
CA ASN B 217 14.52 -8.79 16.81
C ASN B 217 15.57 -8.40 17.83
N GLU B 218 15.91 -7.12 17.92
CA GLU B 218 16.85 -6.67 18.94
C GLU B 218 16.16 -6.56 20.29
N PHE B 219 14.84 -6.69 20.29
CA PHE B 219 14.06 -6.41 21.48
C PHE B 219 13.24 -7.59 21.92
N PRO B 220 13.79 -8.36 22.87
CA PRO B 220 13.08 -9.57 23.26
C PRO B 220 11.74 -9.24 23.93
N LYS B 221 11.62 -8.05 24.53
CA LYS B 221 10.32 -7.69 25.11
C LYS B 221 9.24 -7.50 24.07
N VAL B 222 9.62 -7.23 22.83
CA VAL B 222 8.62 -7.16 21.76
C VAL B 222 8.25 -8.58 21.42
N GLN B 223 7.17 -9.07 22.03
CA GLN B 223 6.81 -10.48 21.88
C GLN B 223 5.78 -10.69 20.81
N PHE B 224 5.18 -9.59 20.37
CA PHE B 224 4.29 -9.65 19.24
C PHE B 224 4.40 -8.41 18.38
N ILE B 225 4.02 -8.60 17.13
CA ILE B 225 4.08 -7.54 16.15
C ILE B 225 2.72 -7.57 15.50
N THR B 226 2.04 -6.44 15.47
CA THR B 226 0.75 -6.39 14.82
C THR B 226 0.93 -5.79 13.46
N CYS B 227 0.62 -6.58 12.44
CA CYS B 227 0.78 -6.18 11.06
C CYS B 227 -0.63 -6.28 10.53
N ILE B 228 -1.28 -5.17 10.16
CA ILE B 228 -0.67 -3.87 9.95
C ILE B 228 -1.60 -2.79 10.41
N ASN B 229 -1.02 -1.63 10.62
CA ASN B 229 -1.79 -0.43 10.66
C ASN B 229 -2.29 -0.16 9.24
N SER B 230 -3.03 0.93 9.08
CA SER B 230 -3.57 1.29 7.80
C SER B 230 -2.50 1.40 6.76
N ILE B 231 -2.87 1.14 5.50
CA ILE B 231 -2.01 1.59 4.42
C ILE B 231 -2.12 3.11 4.44
N GLY B 232 -0.99 3.76 4.76
CA GLY B 232 -0.97 5.16 5.12
C GLY B 232 -1.27 6.05 3.94
N ASN B 233 -2.01 7.11 4.23
CA ASN B 233 -2.08 8.23 3.32
C ASN B 233 -2.49 7.90 1.91
N GLY B 234 -3.56 7.10 1.82
CA GLY B 234 -4.26 6.94 0.56
C GLY B 234 -5.13 8.18 0.39
N LEU B 235 -5.73 8.32 -0.78
CA LEU B 235 -6.56 9.47 -1.06
C LEU B 235 -7.76 8.98 -1.80
N VAL B 236 -8.90 9.04 -1.12
CA VAL B 236 -10.13 8.67 -1.78
C VAL B 236 -10.74 9.92 -2.35
N ILE B 237 -11.14 9.84 -3.61
CA ILE B 237 -11.79 10.95 -4.26
C ILE B 237 -13.14 10.43 -4.70
N ASP B 238 -14.18 11.15 -4.32
CA ASP B 238 -15.54 10.82 -4.70
C ASP B 238 -15.76 11.45 -6.06
N ALA B 239 -15.98 10.62 -7.08
CA ALA B 239 -16.12 11.10 -8.46
C ALA B 239 -17.32 12.03 -8.59
N GLU B 240 -18.35 11.75 -7.82
CA GLU B 240 -19.57 12.54 -7.91
C GLU B 240 -19.37 13.94 -7.35
N THR B 241 -18.77 14.03 -6.16
CA THR B 241 -18.52 15.34 -5.56
C THR B 241 -17.22 16.00 -6.05
N GLU B 242 -16.39 15.25 -6.78
CA GLU B 242 -15.07 15.74 -7.22
C GLU B 242 -14.25 16.29 -6.07
N SER B 243 -14.35 15.58 -4.95
CA SER B 243 -13.71 16.03 -3.73
C SER B 243 -13.17 14.82 -3.02
N VAL B 244 -12.25 15.08 -2.11
CA VAL B 244 -11.80 14.07 -1.16
C VAL B 244 -12.96 13.81 -0.20
N VAL B 245 -12.82 12.84 0.69
CA VAL B 245 -13.97 12.42 1.49
C VAL B 245 -13.71 12.60 2.96
N ILE B 246 -12.49 12.96 3.31
CA ILE B 246 -12.20 13.30 4.69
C ILE B 246 -11.48 14.63 4.73
N LYS B 247 -11.61 15.31 5.85
CA LYS B 247 -11.18 16.69 5.92
C LYS B 247 -9.70 16.85 6.24
N PRO B 248 -9.18 16.08 7.22
CA PRO B 248 -7.79 16.30 7.59
C PRO B 248 -6.84 16.02 6.43
N LYS B 249 -5.71 16.72 6.44
CA LYS B 249 -4.59 16.41 5.56
C LYS B 249 -5.00 16.29 4.12
N GLN B 250 -5.84 17.22 3.69
CA GLN B 250 -6.22 17.34 2.30
C GLN B 250 -6.85 16.05 1.78
N GLY B 251 -7.44 15.26 2.68
CA GLY B 251 -8.17 14.08 2.25
C GLY B 251 -7.36 12.80 2.34
N PHE B 252 -6.07 12.93 2.68
CA PHE B 252 -5.19 11.77 2.78
C PHE B 252 -5.40 11.08 4.10
N GLY B 253 -5.59 9.77 4.06
CA GLY B 253 -5.87 9.06 5.29
C GLY B 253 -5.50 7.60 5.18
N GLY B 254 -5.53 6.91 6.30
CA GLY B 254 -5.14 5.52 6.32
C GLY B 254 -6.23 4.68 5.69
N LEU B 255 -5.82 3.75 4.83
CA LEU B 255 -6.75 2.83 4.21
C LEU B 255 -6.87 1.58 5.04
N GLY B 256 -8.11 1.11 5.20
CA GLY B 256 -8.34 -0.18 5.85
C GLY B 256 -9.29 -0.99 4.99
N GLY B 257 -9.53 -2.22 5.40
CA GLY B 257 -10.52 -3.04 4.75
C GLY B 257 -9.98 -3.82 3.58
N ARG B 258 -10.86 -4.06 2.61
N ARG B 258 -10.82 -4.09 2.58
CA ARG B 258 -10.55 -4.91 1.47
CA ARG B 258 -10.42 -4.99 1.49
C ARG B 258 -9.23 -4.51 0.80
C ARG B 258 -9.28 -4.49 0.62
N TYR B 259 -9.02 -3.19 0.65
CA TYR B 259 -7.83 -2.64 0.04
C TYR B 259 -6.55 -3.26 0.57
N VAL B 260 -6.55 -3.61 1.85
CA VAL B 260 -5.27 -3.80 2.52
C VAL B 260 -4.94 -5.26 2.76
N LEU B 261 -5.83 -6.17 2.38
CA LEU B 261 -5.63 -7.55 2.80
C LEU B 261 -4.32 -8.17 2.31
N PRO B 262 -4.01 -8.07 1.00
CA PRO B 262 -2.75 -8.69 0.57
C PRO B 262 -1.52 -8.04 1.20
N THR B 263 -1.60 -6.74 1.45
CA THR B 263 -0.51 -6.05 2.12
C THR B 263 -0.41 -6.53 3.55
N ALA B 264 -1.55 -6.70 4.20
CA ALA B 264 -1.56 -7.16 5.58
C ALA B 264 -0.98 -8.58 5.63
N LEU B 265 -1.46 -9.44 4.74
CA LEU B 265 -0.97 -10.80 4.66
C LEU B 265 0.53 -10.83 4.40
N ALA B 266 0.99 -9.94 3.52
CA ALA B 266 2.40 -9.86 3.20
C ALA B 266 3.19 -9.53 4.45
N ASN B 267 2.73 -8.53 5.17
CA ASN B 267 3.46 -8.10 6.33
C ASN B 267 3.40 -9.11 7.45
N ILE B 268 2.23 -9.70 7.66
CA ILE B 268 2.08 -10.72 8.67
C ILE B 268 3.10 -11.81 8.34
N ASN B 269 3.10 -12.26 7.09
CA ASN B 269 3.94 -13.36 6.75
C ASN B 269 5.40 -12.98 6.76
N ALA B 270 5.70 -11.76 6.32
CA ALA B 270 7.08 -11.31 6.26
C ALA B 270 7.69 -11.29 7.66
N PHE B 271 6.92 -10.81 8.63
CA PHE B 271 7.42 -10.77 10.00
C PHE B 271 7.32 -12.11 10.67
N TYR B 272 6.29 -12.87 10.31
CA TYR B 272 6.19 -14.23 10.80
C TYR B 272 7.50 -14.99 10.50
N ARG B 273 7.96 -14.83 9.26
CA ARG B 273 9.20 -15.47 8.80
C ARG B 273 10.43 -14.90 9.45
N ARG B 274 10.48 -13.57 9.55
CA ARG B 274 11.71 -12.92 9.97
C ARG B 274 11.88 -12.73 11.47
N CYS B 275 10.78 -12.89 12.21
CA CYS B 275 10.80 -12.74 13.66
C CYS B 275 10.25 -14.01 14.25
N PRO B 276 10.98 -15.12 14.07
CA PRO B 276 10.45 -16.39 14.56
C PRO B 276 10.29 -16.42 16.09
N GLY B 277 10.96 -15.51 16.79
CA GLY B 277 10.86 -15.43 18.24
C GLY B 277 9.61 -14.70 18.71
N LYS B 278 8.84 -14.16 17.78
CA LYS B 278 7.70 -13.33 18.15
C LYS B 278 6.43 -13.90 17.59
N LEU B 279 5.30 -13.48 18.12
CA LEU B 279 4.04 -13.80 17.50
C LEU B 279 3.65 -12.64 16.64
N ILE B 280 2.82 -12.91 15.64
CA ILE B 280 2.30 -11.86 14.78
C ILE B 280 0.81 -11.77 15.04
N PHE B 281 0.32 -10.55 15.19
CA PHE B 281 -1.10 -10.32 15.21
C PHE B 281 -1.43 -9.75 13.85
N GLY B 282 -2.39 -10.36 13.18
CA GLY B 282 -2.79 -9.89 11.87
C GLY B 282 -3.80 -8.79 12.06
N CYS B 283 -3.73 -7.78 11.20
CA CYS B 283 -4.71 -6.74 11.20
C CYS B 283 -4.79 -6.25 9.79
N GLY B 284 -5.98 -6.18 9.22
CA GLY B 284 -6.06 -5.61 7.89
C GLY B 284 -6.90 -6.47 7.00
N GLY B 285 -8.05 -5.94 6.63
CA GLY B 285 -8.89 -6.57 5.63
C GLY B 285 -9.68 -7.78 6.07
N VAL B 286 -9.85 -8.01 7.36
CA VAL B 286 -10.62 -9.15 7.85
C VAL B 286 -12.08 -8.78 7.86
N TYR B 287 -12.87 -9.44 7.00
CA TYR B 287 -14.32 -9.30 7.05
C TYR B 287 -14.99 -10.60 7.36
N THR B 288 -14.28 -11.70 7.14
CA THR B 288 -14.90 -13.01 7.19
C THR B 288 -13.96 -13.97 7.87
N GLY B 289 -14.50 -15.12 8.26
CA GLY B 289 -13.70 -16.19 8.81
C GLY B 289 -12.64 -16.62 7.83
N GLU B 290 -12.97 -16.57 6.54
CA GLU B 290 -11.97 -16.91 5.51
C GLU B 290 -10.81 -15.93 5.50
N ASP B 291 -11.12 -14.64 5.62
CA ASP B 291 -10.04 -13.65 5.72
C ASP B 291 -9.16 -13.94 6.92
N ALA B 292 -9.80 -14.27 8.05
CA ALA B 292 -9.09 -14.58 9.29
C ALA B 292 -8.23 -15.80 9.08
N PHE B 293 -8.79 -16.78 8.36
CA PHE B 293 -8.07 -18.00 8.03
C PHE B 293 -6.79 -17.64 7.27
N LEU B 294 -6.89 -16.71 6.32
CA LEU B 294 -5.71 -16.26 5.58
C LEU B 294 -4.69 -15.60 6.48
N HIS B 295 -5.14 -14.73 7.38
CA HIS B 295 -4.24 -14.12 8.33
C HIS B 295 -3.47 -15.18 9.08
N VAL B 296 -4.20 -16.16 9.57
CA VAL B 296 -3.58 -17.19 10.38
C VAL B 296 -2.63 -18.02 9.52
N LEU B 297 -3.06 -18.37 8.31
CA LEU B 297 -2.18 -19.09 7.39
C LEU B 297 -0.88 -18.32 7.14
N ALA B 298 -0.99 -17.00 7.10
CA ALA B 298 0.17 -16.13 6.85
C ALA B 298 1.06 -16.09 8.08
N GLY B 299 0.51 -16.43 9.24
CA GLY B 299 1.28 -16.48 10.47
C GLY B 299 0.66 -15.84 11.70
N ALA B 300 -0.55 -15.28 11.57
CA ALA B 300 -1.20 -14.53 12.65
C ALA B 300 -1.60 -15.44 13.80
N SER B 301 -1.32 -14.99 15.02
CA SER B 301 -1.86 -15.61 16.21
C SER B 301 -3.20 -14.98 16.54
N MET B 302 -3.22 -13.67 16.73
CA MET B 302 -4.47 -12.95 16.96
C MET B 302 -4.85 -12.31 15.65
N VAL B 303 -6.14 -12.06 15.45
CA VAL B 303 -6.58 -11.43 14.22
C VAL B 303 -7.42 -10.24 14.61
N GLN B 304 -6.99 -9.06 14.18
CA GLN B 304 -7.68 -7.86 14.58
C GLN B 304 -8.59 -7.44 13.46
N VAL B 305 -9.69 -6.80 13.84
CA VAL B 305 -10.73 -6.47 12.89
C VAL B 305 -11.01 -4.99 13.08
N GLY B 306 -10.78 -4.21 12.04
CA GLY B 306 -10.95 -2.77 12.11
C GLY B 306 -12.17 -2.36 11.35
N THR B 307 -11.98 -2.08 10.07
CA THR B 307 -13.03 -1.56 9.21
C THR B 307 -14.31 -2.37 9.31
N ALA B 308 -14.18 -3.70 9.23
CA ALA B 308 -15.36 -4.55 9.22
C ALA B 308 -16.12 -4.38 10.52
N LEU B 309 -15.38 -4.25 11.62
CA LEU B 309 -15.97 -4.06 12.95
C LEU B 309 -16.65 -2.69 13.02
N GLN B 310 -16.00 -1.68 12.46
CA GLN B 310 -16.58 -0.33 12.43
C GLN B 310 -17.94 -0.39 11.73
N GLU B 311 -18.01 -1.20 10.69
CA GLU B 311 -19.19 -1.23 9.83
C GLU B 311 -20.22 -2.25 10.26
N GLU B 312 -19.94 -3.03 11.29
CA GLU B 312 -20.88 -4.06 11.68
C GLU B 312 -21.12 -4.05 13.18
N GLY B 313 -20.18 -3.50 13.94
CA GLY B 313 -20.28 -3.50 15.38
C GLY B 313 -19.82 -4.83 15.96
N PRO B 314 -19.72 -4.90 17.29
CA PRO B 314 -19.12 -6.03 18.02
C PRO B 314 -19.80 -7.38 17.81
N SER B 315 -21.04 -7.40 17.33
CA SER B 315 -21.70 -8.67 16.97
C SER B 315 -20.91 -9.42 15.89
N ILE B 316 -20.08 -8.68 15.17
CA ILE B 316 -19.25 -9.26 14.13
C ILE B 316 -18.42 -10.43 14.66
N PHE B 317 -18.02 -10.38 15.94
CA PHE B 317 -17.17 -11.42 16.46
C PHE B 317 -17.86 -12.76 16.56
N GLU B 318 -19.17 -12.76 16.83
CA GLU B 318 -19.92 -14.01 16.82
C GLU B 318 -19.87 -14.59 15.41
N ARG B 319 -20.04 -13.72 14.43
CA ARG B 319 -20.03 -14.14 13.04
C ARG B 319 -18.65 -14.67 12.69
N LEU B 320 -17.61 -13.93 13.06
CA LEU B 320 -16.27 -14.29 12.63
C LEU B 320 -15.80 -15.61 13.24
N THR B 321 -16.08 -15.80 14.52
CA THR B 321 -15.73 -17.06 15.19
C THR B 321 -16.46 -18.21 14.49
N SER B 322 -17.77 -18.02 14.26
CA SER B 322 -18.56 -19.04 13.57
C SER B 322 -18.00 -19.32 12.17
N GLU B 323 -17.68 -18.27 11.43
CA GLU B 323 -17.16 -18.43 10.09
C GLU B 323 -15.80 -19.09 10.08
N LEU B 324 -14.93 -18.68 11.00
CA LEU B 324 -13.62 -19.27 11.03
C LEU B 324 -13.69 -20.74 11.39
N LEU B 325 -14.54 -21.09 12.35
CA LEU B 325 -14.79 -22.49 12.67
C LEU B 325 -15.31 -23.25 11.48
N GLY B 326 -16.24 -22.64 10.74
CA GLY B 326 -16.81 -23.21 9.52
C GLY B 326 -15.72 -23.47 8.49
N VAL B 327 -14.86 -22.48 8.26
CA VAL B 327 -13.71 -22.65 7.37
C VAL B 327 -12.82 -23.79 7.82
N MET B 328 -12.51 -23.82 9.11
CA MET B 328 -11.65 -24.84 9.67
C MET B 328 -12.32 -26.20 9.57
N ALA B 329 -13.63 -26.25 9.81
CA ALA B 329 -14.38 -27.50 9.69
C ALA B 329 -14.29 -28.02 8.26
N LYS B 330 -14.52 -27.14 7.29
CA LYS B 330 -14.46 -27.53 5.88
C LYS B 330 -13.08 -27.99 5.49
N LYS B 331 -12.06 -27.42 6.13
CA LYS B 331 -10.67 -27.70 5.77
C LYS B 331 -10.08 -28.75 6.68
N ARG B 332 -10.89 -29.25 7.61
CA ARG B 332 -10.50 -30.27 8.55
C ARG B 332 -9.29 -29.84 9.36
N TYR B 333 -9.38 -28.63 9.91
CA TYR B 333 -8.45 -28.20 10.92
C TYR B 333 -9.20 -28.14 12.22
N GLN B 334 -8.54 -28.53 13.29
CA GLN B 334 -9.17 -28.48 14.59
C GLN B 334 -8.65 -27.33 15.42
N THR B 335 -7.38 -26.95 15.20
CA THR B 335 -6.81 -25.83 15.95
C THR B 335 -6.10 -24.89 15.00
N LEU B 336 -5.85 -23.67 15.46
CA LEU B 336 -5.19 -22.66 14.65
C LEU B 336 -3.72 -23.00 14.47
N ASP B 337 -3.14 -23.62 15.49
CA ASP B 337 -1.75 -24.04 15.45
C ASP B 337 -1.48 -24.98 14.29
N GLU B 338 -2.52 -25.68 13.84
CA GLU B 338 -2.36 -26.64 12.77
C GLU B 338 -2.02 -26.02 11.43
N PHE B 339 -2.38 -24.76 11.24
CA PHE B 339 -2.09 -24.11 9.97
C PHE B 339 -1.48 -22.73 10.08
N ARG B 340 -1.29 -22.24 11.31
CA ARG B 340 -0.71 -20.92 11.48
C ARG B 340 0.64 -20.85 10.81
N GLY B 341 0.79 -19.91 9.88
CA GLY B 341 2.07 -19.70 9.24
C GLY B 341 2.39 -20.72 8.18
N LYS B 342 1.45 -21.65 7.92
CA LYS B 342 1.71 -22.76 7.00
C LYS B 342 1.34 -22.47 5.55
N VAL B 343 1.12 -21.21 5.20
CA VAL B 343 0.83 -20.87 3.81
C VAL B 343 1.87 -21.53 2.93
N ARG B 344 1.42 -22.18 1.87
CA ARG B 344 2.33 -22.93 1.02
C ARG B 344 2.88 -22.00 -0.05
N THR B 345 4.19 -21.99 -0.23
CA THR B 345 4.77 -21.25 -1.34
C THR B 345 4.97 -22.19 -2.52
N LEU B 346 5.18 -21.60 -3.69
CA LEU B 346 5.34 -22.38 -4.90
C LEU B 346 6.81 -22.51 -5.29
#